data_3GHC
#
_entry.id   3GHC
#
_cell.length_a   84.356
_cell.length_b   84.356
_cell.length_c   77.767
_cell.angle_alpha   90.00
_cell.angle_beta   90.00
_cell.angle_gamma   120.00
#
_symmetry.space_group_name_H-M   'H 3'
#
loop_
_entity.id
_entity.type
_entity.pdbx_description
1 polymer 'Dihydrofolate reductase'
2 non-polymer 'N-({4-[(2-amino-6-ethyl-4-oxo-3,4-dihydrothieno[2,3-d]pyrimidin-5-yl)sulfanyl]phenyl}carbonyl)-L-glutamic acid'
3 non-polymer 'NADPH DIHYDRO-NICOTINAMIDE-ADENINE-DINUCLEOTIDE PHOSPHATE'
4 non-polymer 'SULFATE ION'
5 water water
#
_entity_poly.entity_id   1
_entity_poly.type   'polypeptide(L)'
_entity_poly.pdbx_seq_one_letter_code
;VGSLNCIVAVSQNMGIGKNGDLPWPPLRNEFRYFSRMTTTSSVEGKQNLVIMGKKTWFSIPEKSRPLKGRINLVLSRELK
EPPQGAHFLSRSLDDALKLTEQPELANKVDMVWIVGGSSVYKEAMNHPGHLKLFVTRIMQDFESDTFFPEIDLEKYKLLP
EYPGVLSDVQEEKGIKYKFEVYEKND
;
_entity_poly.pdbx_strand_id   A
#
loop_
_chem_comp.id
_chem_comp.type
_chem_comp.name
_chem_comp.formula
NDP non-polymer 'NADPH DIHYDRO-NICOTINAMIDE-ADENINE-DINUCLEOTIDE PHOSPHATE' 'C21 H30 N7 O17 P3'
SO4 non-polymer 'SULFATE ION' 'O4 S -2'
#
# COMPACT_ATOMS: atom_id res chain seq x y z
N VAL A 1 12.72 -8.62 9.98
CA VAL A 1 11.82 -7.91 8.95
C VAL A 1 12.18 -6.42 8.98
N GLY A 2 12.12 -5.76 7.83
CA GLY A 2 12.39 -4.32 7.73
C GLY A 2 11.18 -3.43 8.01
N SER A 3 11.19 -2.33 7.29
CA SER A 3 10.28 -1.22 7.66
C SER A 3 8.83 -1.55 7.32
N LEU A 4 7.92 -0.84 7.98
CA LEU A 4 6.46 -0.92 7.72
C LEU A 4 6.06 0.33 7.03
N ASN A 5 5.23 0.19 6.00
CA ASN A 5 4.94 1.26 5.02
C ASN A 5 3.50 1.14 4.56
N CYS A 6 2.82 2.23 4.26
CA CYS A 6 1.57 2.20 3.46
C CYS A 6 1.88 2.84 2.14
N ILE A 7 1.20 2.45 1.08
CA ILE A 7 1.28 3.16 -0.21
C ILE A 7 -0.13 3.30 -0.73
N VAL A 8 -0.43 4.45 -1.30
CA VAL A 8 -1.78 4.77 -1.81
C VAL A 8 -1.64 5.84 -2.88
N ALA A 9 -2.64 5.91 -3.75
CA ALA A 9 -2.89 7.05 -4.61
C ALA A 9 -4.25 7.60 -4.28
N VAL A 10 -4.40 8.91 -4.12
CA VAL A 10 -5.66 9.50 -3.56
C VAL A 10 -6.00 10.75 -4.31
N SER A 11 -7.28 10.94 -4.61
CA SER A 11 -7.71 12.22 -5.24
C SER A 11 -7.76 13.30 -4.19
N GLN A 12 -8.10 14.54 -4.71
CA GLN A 12 -8.20 15.71 -3.80
C GLN A 12 -9.29 15.59 -2.77
N ASN A 13 -10.40 14.90 -3.19
CA ASN A 13 -11.50 14.62 -2.26
C ASN A 13 -11.31 13.30 -1.49
N MET A 14 -10.04 12.84 -1.39
CA MET A 14 -9.67 11.68 -0.58
C MET A 14 -10.14 10.35 -1.18
N GLY A 15 -10.55 10.31 -2.42
CA GLY A 15 -11.04 9.06 -2.98
C GLY A 15 -9.92 8.14 -3.36
N ILE A 16 -10.14 6.82 -3.13
CA ILE A 16 -9.18 5.79 -3.54
C ILE A 16 -9.85 4.75 -4.42
N GLY A 17 -11.18 4.66 -4.47
CA GLY A 17 -11.85 3.57 -5.21
C GLY A 17 -13.26 4.00 -5.63
N LYS A 18 -13.72 3.33 -6.69
CA LYS A 18 -15.12 3.46 -7.14
C LYS A 18 -15.41 2.12 -7.80
N ASN A 19 -16.54 1.55 -7.38
CA ASN A 19 -17.10 0.35 -8.08
C ASN A 19 -16.02 -0.68 -8.27
N GLY A 20 -15.19 -0.90 -7.25
CA GLY A 20 -14.24 -1.99 -7.30
C GLY A 20 -12.97 -1.69 -8.10
N ASP A 21 -12.78 -0.46 -8.54
CA ASP A 21 -11.57 -0.08 -9.30
C ASP A 21 -11.17 1.29 -8.86
N LEU A 22 -10.20 1.87 -9.55
CA LEU A 22 -9.76 3.21 -9.20
C LEU A 22 -10.68 4.28 -9.69
N PRO A 23 -10.73 5.43 -9.11
CA PRO A 23 -11.62 6.52 -9.53
C PRO A 23 -11.24 7.15 -10.84
N TRP A 24 -9.96 7.07 -11.18
CA TRP A 24 -9.38 7.68 -12.38
C TRP A 24 -9.03 6.63 -13.37
N PRO A 25 -8.87 7.06 -14.68
CA PRO A 25 -8.41 6.11 -15.65
C PRO A 25 -6.97 5.65 -15.44
N PRO A 26 -6.47 4.56 -16.03
CA PRO A 26 -5.16 4.09 -15.78
C PRO A 26 -4.09 5.12 -16.04
N LEU A 27 -3.23 5.25 -15.05
CA LEU A 27 -1.98 6.14 -15.07
C LEU A 27 -0.85 5.18 -15.07
N ARG A 28 -0.35 4.87 -16.28
CA ARG A 28 0.60 3.78 -16.37
C ARG A 28 1.89 3.98 -15.60
N ASN A 29 2.39 5.24 -15.61
CA ASN A 29 3.65 5.47 -14.86
C ASN A 29 3.40 5.53 -13.33
N GLU A 30 2.17 5.86 -12.93
CA GLU A 30 1.83 5.83 -11.50
C GLU A 30 1.81 4.39 -11.04
N PHE A 31 1.20 3.48 -11.84
CA PHE A 31 1.28 2.06 -11.53
C PHE A 31 2.71 1.58 -11.49
N ARG A 32 3.55 2.06 -12.42
CA ARG A 32 4.95 1.60 -12.38
C ARG A 32 5.72 2.09 -11.14
N TYR A 33 5.35 3.27 -10.66
CA TYR A 33 5.84 3.78 -9.38
C TYR A 33 5.45 2.84 -8.22
N PHE A 34 4.13 2.50 -8.19
CA PHE A 34 3.67 1.54 -7.18
C PHE A 34 4.52 0.23 -7.21
N SER A 35 4.70 -0.28 -8.43
CA SER A 35 5.45 -1.56 -8.52
C SER A 35 6.93 -1.37 -8.16
N ARG A 36 7.54 -0.25 -8.57
CA ARG A 36 8.98 -0.06 -8.20
C ARG A 36 9.08 0.03 -6.70
N MET A 37 8.17 0.82 -6.04
CA MET A 37 8.34 0.98 -4.61
C MET A 37 8.11 -0.28 -3.82
N THR A 38 6.99 -1.01 -4.18
CA THR A 38 6.65 -2.14 -3.42
C THR A 38 7.57 -3.41 -3.69
N THR A 39 8.13 -3.39 -4.92
CA THR A 39 8.95 -4.58 -5.24
C THR A 39 10.42 -4.41 -4.81
N THR A 40 10.96 -3.21 -4.84
CA THR A 40 12.42 -3.01 -4.70
C THR A 40 12.79 -3.21 -3.25
N SER A 41 13.77 -4.13 -3.07
CA SER A 41 14.28 -4.44 -1.71
C SER A 41 15.80 -4.27 -1.72
N SER A 42 16.34 -3.48 -0.78
CA SER A 42 17.83 -3.31 -0.70
C SER A 42 18.61 -4.54 -0.11
N VAL A 43 17.90 -5.51 0.47
CA VAL A 43 18.48 -6.62 1.27
C VAL A 43 18.52 -7.94 0.50
N GLU A 44 19.74 -8.47 0.40
CA GLU A 44 19.96 -9.71 -0.36
C GLU A 44 19.22 -10.93 0.16
N GLY A 45 18.65 -11.67 -0.83
CA GLY A 45 17.88 -12.91 -0.60
C GLY A 45 16.52 -12.67 0.10
N LYS A 46 16.06 -11.40 0.08
CA LYS A 46 14.77 -11.12 0.69
C LYS A 46 13.88 -10.52 -0.38
N GLN A 47 12.56 -10.68 -0.14
CA GLN A 47 11.49 -9.99 -0.91
C GLN A 47 10.70 -9.09 0.05
N ASN A 48 9.96 -8.16 -0.55
CA ASN A 48 8.98 -7.40 0.25
C ASN A 48 7.63 -8.15 0.34
N LEU A 49 6.89 -7.89 1.39
CA LEU A 49 5.55 -8.48 1.61
C LEU A 49 4.51 -7.38 1.41
N VAL A 50 3.47 -7.69 0.67
CA VAL A 50 2.29 -6.80 0.51
C VAL A 50 1.14 -7.33 1.31
N ILE A 51 0.45 -6.51 2.08
CA ILE A 51 -0.68 -6.84 2.87
C ILE A 51 -1.87 -6.07 2.32
N MET A 52 -2.99 -6.77 2.03
CA MET A 52 -4.16 -6.10 1.42
C MET A 52 -5.44 -6.73 1.90
N GLY A 53 -6.53 -5.97 1.97
CA GLY A 53 -7.87 -6.55 2.18
C GLY A 53 -8.29 -7.36 0.98
N LYS A 54 -9.40 -8.09 1.23
CA LYS A 54 -9.87 -9.03 0.24
C LYS A 54 -10.40 -8.32 -1.05
N LYS A 55 -11.11 -7.17 -0.85
CA LYS A 55 -11.64 -6.49 -2.05
C LYS A 55 -10.48 -5.90 -2.85
N THR A 56 -9.44 -5.41 -2.16
CA THR A 56 -8.27 -4.87 -2.91
C THR A 56 -7.62 -5.98 -3.71
N TRP A 57 -7.45 -7.20 -3.10
CA TRP A 57 -6.91 -8.35 -3.88
C TRP A 57 -7.70 -8.52 -5.21
N PHE A 58 -9.02 -8.61 -5.10
CA PHE A 58 -9.85 -8.91 -6.28
C PHE A 58 -9.95 -7.73 -7.19
N SER A 59 -9.56 -6.54 -6.74
CA SER A 59 -9.52 -5.35 -7.64
C SER A 59 -8.31 -5.34 -8.53
N ILE A 60 -7.28 -6.15 -8.26
CA ILE A 60 -6.09 -6.19 -9.14
C ILE A 60 -6.45 -7.08 -10.31
N PRO A 61 -6.15 -6.65 -11.55
CA PRO A 61 -6.42 -7.51 -12.72
C PRO A 61 -5.86 -8.92 -12.47
N GLU A 62 -6.55 -9.95 -12.82
CA GLU A 62 -6.07 -11.32 -12.56
C GLU A 62 -4.75 -11.56 -13.25
N LYS A 63 -4.49 -10.99 -14.40
CA LYS A 63 -3.20 -11.25 -15.05
C LYS A 63 -2.00 -10.70 -14.26
N SER A 64 -2.29 -9.74 -13.36
CA SER A 64 -1.24 -9.09 -12.57
C SER A 64 -1.23 -9.59 -11.14
N ARG A 65 -1.99 -10.61 -10.79
CA ARG A 65 -1.98 -11.19 -9.46
C ARG A 65 -1.34 -12.57 -9.51
N PRO A 66 -0.59 -13.01 -8.50
CA PRO A 66 -0.11 -12.15 -7.37
C PRO A 66 0.84 -11.09 -7.89
N LEU A 67 0.95 -9.99 -7.14
CA LEU A 67 1.92 -8.96 -7.52
C LEU A 67 3.34 -9.57 -7.57
N LYS A 68 3.87 -9.58 -8.77
CA LYS A 68 5.07 -10.46 -8.95
C LYS A 68 6.26 -9.95 -8.17
N GLY A 69 7.08 -10.86 -7.68
CA GLY A 69 8.30 -10.47 -6.98
C GLY A 69 8.04 -10.06 -5.57
N ARG A 70 6.81 -10.12 -5.09
CA ARG A 70 6.43 -9.78 -3.72
C ARG A 70 5.69 -10.90 -3.07
N ILE A 71 5.69 -11.11 -1.79
CA ILE A 71 4.91 -12.07 -1.14
C ILE A 71 3.52 -11.45 -0.86
N ASN A 72 2.45 -12.10 -1.27
CA ASN A 72 1.11 -11.53 -1.27
C ASN A 72 0.31 -12.10 -0.15
N LEU A 73 -0.13 -11.27 0.77
CA LEU A 73 -0.94 -11.66 1.88
C LEU A 73 -2.27 -10.96 1.84
N VAL A 74 -3.34 -11.71 2.02
CA VAL A 74 -4.71 -11.15 2.00
C VAL A 74 -5.32 -11.23 3.35
N LEU A 75 -5.99 -10.18 3.79
CA LEU A 75 -6.72 -10.18 5.04
C LEU A 75 -8.19 -10.49 4.81
N SER A 76 -8.71 -11.50 5.52
CA SER A 76 -10.14 -11.85 5.46
C SER A 76 -10.48 -12.72 6.66
N ARG A 77 -11.66 -12.52 7.23
CA ARG A 77 -12.19 -13.43 8.26
C ARG A 77 -13.17 -14.44 7.65
N GLU A 78 -13.63 -14.28 6.44
CA GLU A 78 -14.60 -15.19 5.85
C GLU A 78 -13.89 -16.25 5.06
N LEU A 79 -12.80 -15.96 4.36
CA LEU A 79 -12.08 -16.93 3.58
C LEU A 79 -11.49 -17.98 4.51
N LYS A 80 -11.38 -19.17 3.95
CA LYS A 80 -10.80 -20.30 4.75
C LYS A 80 -9.39 -20.57 4.35
N GLU A 81 -8.94 -20.08 3.18
CA GLU A 81 -7.62 -20.24 2.67
C GLU A 81 -7.24 -19.07 1.70
N PRO A 82 -5.98 -18.84 1.39
CA PRO A 82 -5.68 -17.74 0.48
C PRO A 82 -6.42 -17.89 -0.81
N PRO A 83 -6.81 -16.80 -1.42
CA PRO A 83 -7.39 -16.88 -2.80
C PRO A 83 -6.47 -17.51 -3.78
N GLN A 84 -6.97 -18.05 -4.89
CA GLN A 84 -6.15 -18.52 -5.95
C GLN A 84 -5.11 -17.51 -6.33
N GLY A 85 -3.82 -17.91 -6.40
CA GLY A 85 -2.71 -17.01 -6.68
C GLY A 85 -2.15 -16.28 -5.49
N ALA A 86 -2.82 -16.18 -4.40
CA ALA A 86 -2.27 -15.47 -3.24
C ALA A 86 -1.40 -16.44 -2.39
N HIS A 87 -0.56 -15.90 -1.52
CA HIS A 87 0.38 -16.77 -0.73
C HIS A 87 -0.05 -16.94 0.64
N PHE A 88 -0.59 -15.98 1.36
CA PHE A 88 -0.97 -16.10 2.72
C PHE A 88 -2.35 -15.49 3.06
N LEU A 89 -2.94 -15.86 4.11
CA LEU A 89 -4.22 -15.34 4.56
C LEU A 89 -4.13 -15.04 6.01
N SER A 90 -4.50 -13.89 6.50
CA SER A 90 -4.54 -13.60 7.93
C SER A 90 -5.86 -13.00 8.30
N ARG A 91 -6.26 -13.12 9.58
N ARG A 91 -6.25 -13.13 9.59
CA ARG A 91 -7.55 -12.68 10.02
CA ARG A 91 -7.53 -12.76 10.10
C ARG A 91 -7.53 -11.35 10.73
C ARG A 91 -7.52 -11.37 10.75
N SER A 92 -6.33 -10.75 10.82
CA SER A 92 -6.19 -9.43 11.38
C SER A 92 -4.82 -8.89 10.98
N LEU A 93 -4.77 -7.55 11.11
CA LEU A 93 -3.47 -6.92 10.81
C LEU A 93 -2.36 -7.38 11.79
N ASP A 94 -2.76 -7.42 13.06
CA ASP A 94 -1.78 -7.88 14.09
C ASP A 94 -1.32 -9.31 13.80
N ASP A 95 -2.26 -10.18 13.34
CA ASP A 95 -1.86 -11.51 12.99
C ASP A 95 -0.93 -11.53 11.84
N ALA A 96 -1.21 -10.71 10.81
CA ALA A 96 -0.35 -10.69 9.64
C ALA A 96 1.09 -10.27 10.03
N LEU A 97 1.15 -9.19 10.84
CA LEU A 97 2.49 -8.68 11.20
C LEU A 97 3.25 -9.72 12.05
N LYS A 98 2.52 -10.41 12.93
CA LYS A 98 3.16 -11.49 13.72
C LYS A 98 3.68 -12.62 12.86
N LEU A 99 2.99 -12.89 11.73
CA LEU A 99 3.34 -13.99 10.85
C LEU A 99 4.68 -13.77 10.23
N THR A 100 5.02 -12.48 10.05
CA THR A 100 6.27 -12.14 9.41
C THR A 100 7.43 -12.54 10.33
N GLU A 101 7.14 -12.71 11.62
CA GLU A 101 8.12 -13.13 12.63
C GLU A 101 8.28 -14.64 12.74
N GLN A 102 7.37 -15.40 12.14
CA GLN A 102 7.48 -16.89 12.13
C GLN A 102 8.65 -17.41 11.27
N PRO A 103 9.09 -18.67 11.55
CA PRO A 103 10.20 -19.28 10.80
C PRO A 103 9.99 -19.34 9.29
N GLU A 104 8.76 -19.54 8.82
CA GLU A 104 8.56 -19.58 7.35
C GLU A 104 8.90 -18.22 6.70
N LEU A 105 8.75 -17.09 7.43
CA LEU A 105 8.91 -15.73 6.87
C LEU A 105 10.00 -14.82 7.45
N ALA A 106 10.32 -15.05 8.72
CA ALA A 106 11.40 -14.33 9.48
C ALA A 106 12.64 -13.84 8.70
N ASN A 107 13.26 -14.73 7.93
CA ASN A 107 14.44 -14.39 7.10
C ASN A 107 14.19 -14.14 5.62
N LYS A 108 12.90 -14.11 5.24
CA LYS A 108 12.54 -13.92 3.83
C LYS A 108 12.01 -12.51 3.53
N VAL A 109 11.41 -11.89 4.53
CA VAL A 109 10.66 -10.58 4.33
C VAL A 109 11.56 -9.36 4.64
N ASP A 110 11.73 -8.45 3.71
CA ASP A 110 12.40 -7.11 3.95
C ASP A 110 11.28 -6.14 4.35
N MET A 111 10.84 -5.34 3.37
CA MET A 111 9.85 -4.30 3.75
C MET A 111 8.44 -4.88 3.78
N VAL A 112 7.58 -4.33 4.60
CA VAL A 112 6.12 -4.68 4.54
C VAL A 112 5.43 -3.47 3.99
N TRP A 113 4.58 -3.66 2.96
CA TRP A 113 3.79 -2.63 2.32
C TRP A 113 2.29 -2.89 2.50
N ILE A 114 1.59 -2.06 3.24
CA ILE A 114 0.15 -2.12 3.32
C ILE A 114 -0.39 -1.37 2.15
N VAL A 115 -1.23 -2.07 1.37
CA VAL A 115 -1.76 -1.49 0.13
C VAL A 115 -3.28 -1.38 0.15
N GLY A 116 -3.85 -1.33 1.31
CA GLY A 116 -5.29 -0.96 1.44
C GLY A 116 -6.21 -2.16 1.60
N GLY A 117 -7.54 -2.00 1.73
CA GLY A 117 -8.25 -0.72 1.53
C GLY A 117 -8.40 0.10 2.79
N SER A 118 -9.49 0.84 2.87
CA SER A 118 -9.60 1.96 3.86
C SER A 118 -9.44 1.45 5.29
N SER A 119 -10.03 0.28 5.68
CA SER A 119 -9.96 -0.15 7.04
C SER A 119 -8.55 -0.51 7.49
N VAL A 120 -7.80 -1.17 6.59
CA VAL A 120 -6.48 -1.56 6.98
C VAL A 120 -5.53 -0.33 7.01
N TYR A 121 -5.69 0.58 6.02
CA TYR A 121 -4.93 1.88 6.11
C TYR A 121 -5.18 2.54 7.45
N LYS A 122 -6.45 2.63 7.87
CA LYS A 122 -6.74 3.34 9.13
C LYS A 122 -6.10 2.68 10.36
N GLU A 123 -6.22 1.36 10.39
CA GLU A 123 -5.66 0.69 11.54
C GLU A 123 -4.14 0.80 11.53
N ALA A 124 -3.49 0.61 10.37
CA ALA A 124 -2.08 0.75 10.34
C ALA A 124 -1.62 2.12 10.73
N MET A 125 -2.29 3.14 10.25
CA MET A 125 -1.81 4.54 10.47
C MET A 125 -1.91 4.86 11.94
N ASN A 126 -2.75 4.20 12.72
CA ASN A 126 -2.96 4.55 14.11
C ASN A 126 -2.30 3.61 15.06
N HIS A 127 -1.49 2.72 14.55
CA HIS A 127 -0.85 1.70 15.40
C HIS A 127 0.49 2.30 15.79
N PRO A 128 0.74 2.43 17.12
CA PRO A 128 2.08 2.97 17.54
C PRO A 128 3.25 2.28 16.87
N GLY A 129 4.31 3.08 16.62
CA GLY A 129 5.57 2.68 16.08
C GLY A 129 6.02 3.45 14.82
N HIS A 130 7.09 2.98 14.24
CA HIS A 130 7.73 3.65 13.09
C HIS A 130 7.00 3.24 11.81
N LEU A 131 6.42 4.25 11.07
CA LEU A 131 5.67 3.94 9.84
C LEU A 131 5.84 5.02 8.82
N LYS A 132 5.97 4.69 7.56
CA LYS A 132 5.96 5.71 6.49
C LYS A 132 4.74 5.55 5.63
N LEU A 133 4.28 6.64 5.04
CA LEU A 133 3.14 6.65 4.05
C LEU A 133 3.67 7.19 2.75
N PHE A 134 3.56 6.43 1.68
CA PHE A 134 3.93 6.88 0.32
C PHE A 134 2.63 7.22 -0.38
N VAL A 135 2.37 8.51 -0.50
CA VAL A 135 1.05 9.00 -0.95
C VAL A 135 1.24 9.67 -2.30
N THR A 136 0.45 9.25 -3.28
CA THR A 136 0.42 9.95 -4.59
C THR A 136 -0.79 10.83 -4.54
N ARG A 137 -0.60 12.15 -4.62
CA ARG A 137 -1.70 13.12 -4.64
C ARG A 137 -2.13 13.33 -6.05
N ILE A 138 -3.32 12.78 -6.41
CA ILE A 138 -3.94 12.98 -7.73
C ILE A 138 -4.69 14.33 -7.56
N MET A 139 -4.25 15.33 -8.37
CA MET A 139 -4.63 16.68 -8.09
C MET A 139 -5.91 17.10 -8.78
N GLN A 140 -6.96 16.27 -8.71
CA GLN A 140 -8.30 16.58 -9.23
C GLN A 140 -9.22 15.91 -8.28
N ASP A 141 -10.47 16.29 -8.31
CA ASP A 141 -11.57 15.54 -7.64
C ASP A 141 -12.05 14.46 -8.60
N PHE A 142 -12.33 13.25 -8.03
CA PHE A 142 -12.91 12.13 -8.78
C PHE A 142 -13.99 11.53 -7.91
N GLU A 143 -15.16 11.29 -8.55
CA GLU A 143 -16.26 10.55 -7.89
C GLU A 143 -15.69 9.21 -7.37
N SER A 144 -15.99 8.96 -6.11
CA SER A 144 -15.44 7.80 -5.41
C SER A 144 -16.49 7.21 -4.47
N ASP A 145 -16.31 5.92 -4.19
CA ASP A 145 -17.08 5.30 -3.15
C ASP A 145 -16.30 4.64 -2.04
N THR A 146 -14.99 4.90 -2.03
CA THR A 146 -14.00 4.35 -1.04
C THR A 146 -12.99 5.48 -0.80
N PHE A 147 -12.65 5.78 0.44
CA PHE A 147 -11.88 6.97 0.78
C PHE A 147 -10.69 6.62 1.65
N PHE A 148 -9.61 7.41 1.52
CA PHE A 148 -8.46 7.28 2.43
C PHE A 148 -8.75 7.87 3.79
N PRO A 149 -8.30 7.27 4.86
CA PRO A 149 -8.52 7.85 6.20
C PRO A 149 -7.67 9.13 6.38
N GLU A 150 -8.03 9.86 7.40
CA GLU A 150 -7.33 11.09 7.74
C GLU A 150 -5.89 10.88 8.11
N ILE A 151 -5.02 11.62 7.51
CA ILE A 151 -3.59 11.65 7.89
C ILE A 151 -3.41 12.72 8.97
N ASP A 152 -3.07 12.31 10.15
CA ASP A 152 -2.83 13.23 11.28
C ASP A 152 -1.42 13.80 11.15
N LEU A 153 -1.36 15.06 10.69
CA LEU A 153 -0.12 15.70 10.45
C LEU A 153 0.56 16.13 11.70
N GLU A 154 -0.06 16.00 12.89
N GLU A 154 0.03 16.00 12.86
CA GLU A 154 0.61 16.22 14.22
CA GLU A 154 0.88 16.29 13.95
C GLU A 154 1.65 15.10 14.44
C GLU A 154 1.90 15.17 14.06
N LYS A 155 1.48 13.92 13.78
CA LYS A 155 2.39 12.77 13.95
C LYS A 155 3.07 12.45 12.62
N TYR A 156 2.43 12.56 11.50
CA TYR A 156 3.08 12.25 10.19
C TYR A 156 3.74 13.48 9.53
N LYS A 157 5.06 13.49 9.56
CA LYS A 157 5.81 14.59 8.90
C LYS A 157 5.95 14.34 7.43
N LEU A 158 5.63 15.28 6.63
CA LEU A 158 5.88 15.26 5.17
C LEU A 158 7.37 15.47 4.98
N LEU A 159 8.04 14.56 4.36
CA LEU A 159 9.49 14.64 4.25
C LEU A 159 9.86 15.55 3.11
N PRO A 160 10.91 16.42 3.28
CA PRO A 160 11.26 17.36 2.24
C PRO A 160 12.03 16.83 1.09
N GLU A 161 12.39 15.54 1.15
CA GLU A 161 13.08 14.85 0.03
C GLU A 161 13.07 13.36 0.40
N TYR A 162 13.19 12.47 -0.59
CA TYR A 162 13.34 11.06 -0.35
C TYR A 162 13.99 10.46 -1.60
N PRO A 163 15.10 9.70 -1.40
CA PRO A 163 15.84 9.18 -2.60
C PRO A 163 14.96 8.35 -3.44
N GLY A 164 15.04 8.64 -4.74
CA GLY A 164 14.28 7.85 -5.65
C GLY A 164 12.84 8.26 -5.86
N VAL A 165 12.38 9.30 -5.19
CA VAL A 165 10.98 9.76 -5.40
C VAL A 165 11.10 11.10 -6.08
N LEU A 166 10.55 11.22 -7.30
CA LEU A 166 10.53 12.48 -8.03
C LEU A 166 9.77 13.53 -7.24
N SER A 167 10.20 14.78 -7.28
CA SER A 167 9.63 15.86 -6.52
C SER A 167 8.70 16.74 -7.30
N ASP A 168 8.78 16.72 -8.59
CA ASP A 168 8.03 17.64 -9.47
C ASP A 168 6.65 17.09 -9.86
N VAL A 169 5.86 17.88 -10.47
CA VAL A 169 4.47 17.53 -10.88
C VAL A 169 4.55 16.56 -12.06
N GLN A 170 3.87 15.45 -11.98
CA GLN A 170 3.73 14.44 -13.05
C GLN A 170 2.40 14.68 -13.72
N GLU A 171 2.28 14.19 -14.98
CA GLU A 171 0.97 14.30 -15.64
C GLU A 171 0.82 13.18 -16.60
N GLU A 172 -0.34 12.49 -16.54
CA GLU A 172 -0.67 11.39 -17.52
C GLU A 172 -2.14 11.48 -17.77
N LYS A 173 -2.52 11.39 -19.07
CA LYS A 173 -3.93 11.42 -19.46
C LYS A 173 -4.61 12.71 -19.02
N GLY A 174 -3.84 13.83 -18.99
CA GLY A 174 -4.43 15.09 -18.67
C GLY A 174 -4.59 15.28 -17.14
N ILE A 175 -4.05 14.33 -16.31
CA ILE A 175 -4.29 14.31 -14.82
C ILE A 175 -2.87 14.55 -14.18
N LYS A 176 -2.80 15.70 -13.49
CA LYS A 176 -1.54 16.04 -12.76
C LYS A 176 -1.55 15.34 -11.40
N TYR A 177 -0.35 14.94 -11.00
CA TYR A 177 -0.22 14.26 -9.68
C TYR A 177 1.18 14.52 -9.16
N LYS A 178 1.36 14.29 -7.88
CA LYS A 178 2.70 14.45 -7.28
C LYS A 178 2.92 13.43 -6.19
N PHE A 179 4.16 13.08 -5.94
CA PHE A 179 4.53 12.05 -4.95
C PHE A 179 4.89 12.67 -3.62
N GLU A 180 4.52 12.06 -2.52
CA GLU A 180 4.84 12.51 -1.15
C GLU A 180 5.20 11.33 -0.31
N VAL A 181 6.13 11.57 0.67
CA VAL A 181 6.46 10.52 1.64
C VAL A 181 6.29 11.14 3.03
N TYR A 182 5.52 10.52 3.89
CA TYR A 182 5.30 10.93 5.27
C TYR A 182 5.96 9.94 6.17
N GLU A 183 6.38 10.38 7.39
CA GLU A 183 6.95 9.47 8.38
C GLU A 183 6.46 9.79 9.74
N LYS A 184 6.03 8.84 10.55
CA LYS A 184 5.82 9.07 11.99
C LYS A 184 6.72 8.08 12.77
N ASN A 185 6.81 8.31 14.07
CA ASN A 185 7.44 7.36 15.08
C ASN A 185 6.92 7.64 16.41
N ASP A 186 6.01 6.81 16.86
CA ASP A 186 5.37 7.08 18.19
C ASP A 186 5.10 5.77 18.87
C4 GHC B . -1.67 1.93 -4.75
C5 GHC B . -2.39 1.75 -5.94
C6 GHC B . -2.20 2.69 -6.98
C13 GHC B . -3.88 -1.31 -4.20
N1 GHC B . -1.14 3.61 -6.77
N2 GHC B . 0.50 4.65 -5.50
C3 GHC B . -3.17 0.03 -4.59
N3 GHC B . -0.71 2.94 -4.54
C29 GHC B . -3.02 -2.53 -4.69
S4 GHC B . -2.03 0.79 -3.56
C2 GHC B . -0.47 3.68 -5.58
O6 GHC B . -2.78 2.74 -8.07
C1 GHC B . -3.25 0.65 -5.80
SAT GHC B . -4.42 0.10 -7.04
CAZ GHC B . -3.41 -0.94 -8.07
CAJ GHC B . -2.06 -0.87 -8.01
CAL GHC B . -1.30 -1.73 -8.84
CAI GHC B . -4.04 -1.84 -8.92
CAK GHC B . -3.33 -2.68 -9.75
CBA GHC B . -1.97 -2.63 -9.67
CAX GHC B . -1.16 -3.60 -10.52
OAE GHC B . -1.75 -4.27 -11.42
NAS GHC B . 0.14 -3.67 -10.31
CAP GHC B . 1.00 -4.63 -11.07
CAW GHC B . 2.27 -4.77 -10.26
OAG GHC B . 3.04 -5.72 -10.57
OAD GHC B . 2.49 -4.01 -9.27
CBG GHC B . 1.35 -4.11 -12.43
CAN GHC B . 2.13 -2.79 -12.43
CAV GHC B . 2.18 -2.10 -13.81
OAF GHC B . 1.12 -1.95 -14.45
OAC GHC B . 3.18 -1.52 -14.02
PA NDP C . -10.63 -3.86 1.35
O1A NDP C . -9.63 -4.12 0.36
O2A NDP C . -10.20 -3.32 2.64
O5B NDP C . -11.44 -5.24 1.54
C5B NDP C . -12.41 -5.31 2.61
C4B NDP C . -12.54 -6.77 3.01
O4B NDP C . -11.23 -7.19 3.44
C3B NDP C . -13.36 -6.91 4.27
O3B NDP C . -14.78 -7.14 3.94
C2B NDP C . -12.73 -8.12 4.84
O2B NDP C . -13.06 -9.34 4.31
C1B NDP C . -11.29 -7.91 4.73
N9A NDP C . -10.61 -7.11 5.68
C8A NDP C . -10.26 -5.78 5.62
N7A NDP C . -9.51 -5.48 6.67
C5A NDP C . -9.34 -6.60 7.41
C6A NDP C . -8.68 -6.83 8.61
N6A NDP C . -7.96 -5.86 9.20
N1A NDP C . -8.65 -8.13 9.07
C2A NDP C . -9.37 -9.08 8.43
N3A NDP C . -10.06 -8.89 7.26
C4A NDP C . -10.03 -7.62 6.77
O3 NDP C . -11.80 -2.95 0.69
PN NDP C . -11.99 -1.41 0.27
O1N NDP C . -13.35 -1.37 -0.34
O2N NDP C . -11.61 -0.53 1.36
O5D NDP C . -10.97 -1.20 -0.86
C5D NDP C . -11.13 -1.66 -2.20
C4D NDP C . -11.42 -0.49 -3.18
O4D NDP C . -10.34 0.57 -2.96
C3D NDP C . -11.36 -0.81 -4.60
O3D NDP C . -12.15 0.21 -5.31
C2D NDP C . -9.90 -0.57 -4.96
O2D NDP C . -9.73 -0.32 -6.34
C1D NDP C . -9.57 0.69 -4.10
N1N NDP C . -8.18 0.76 -3.65
C2N NDP C . -7.46 1.83 -4.13
C3N NDP C . -6.16 2.07 -3.67
C7N NDP C . -5.46 3.28 -4.12
O7N NDP C . -4.26 3.44 -3.74
N7N NDP C . -6.04 4.20 -4.86
C4N NDP C . -5.63 1.20 -2.71
C5N NDP C . -6.33 0.03 -2.31
C6N NDP C . -7.66 -0.18 -2.75
P2B NDP C . -14.00 -10.45 5.00
O1X NDP C . -13.54 -10.67 6.43
O2X NDP C . -13.81 -11.65 4.16
O3X NDP C . -15.39 -9.93 4.99
S SO4 D . 9.00 13.56 -0.49
O1 SO4 D . 9.65 12.36 0.10
O2 SO4 D . 10.14 14.51 -0.40
O3 SO4 D . 8.61 13.27 -1.92
O4 SO4 D . 7.77 13.90 0.29
S SO4 E . -10.80 8.58 9.89
O1 SO4 E . -9.55 8.11 10.55
O2 SO4 E . -10.60 9.28 8.57
O3 SO4 E . -11.69 7.41 9.74
O4 SO4 E . -11.46 9.64 10.74
S SO4 F . 9.73 20.66 12.49
O1 SO4 F . 10.63 21.36 11.53
O2 SO4 F . 8.29 21.05 12.51
O3 SO4 F . 9.68 19.22 12.09
O4 SO4 F . 10.38 20.83 13.80
#